data_7Q29
#
_entry.id   7Q29
#
_cell.length_a   56.164
_cell.length_b   84.765
_cell.length_c   132.728
_cell.angle_alpha   90.000
_cell.angle_beta   90.000
_cell.angle_gamma   90.000
#
_symmetry.space_group_name_H-M   'P 21 21 21'
#
loop_
_entity.id
_entity.type
_entity.pdbx_description
1 polymer 'Angiotensin-converting enzyme'
2 branched alpha-D-mannopyranose-(1-3)-beta-D-mannopyranose-(1-4)-2-acetamido-2-deoxy-beta-D-glucopyranose-(1-4)-[alpha-L-fucopyranose-(1-6)]2-acetamido-2-deoxy-beta-D-glucopyranose
3 non-polymer 2-acetamido-2-deoxy-beta-D-glucopyranose
4 non-polymer 'BORIC ACID'
5 non-polymer IMIDAZOLE
6 non-polymer '(2~{S},5~{R})-5-(4-methylphenyl)-1-[2-[[(2~{S})-1-oxidanyl-1-oxidanylidene-4-phenyl-butan-2-yl]amino]ethanoyl]pyrrolidine-2-carboxylic acid'
7 non-polymer DI(HYDROXYETHYL)ETHER
8 non-polymer 'PENTAETHYLENE GLYCOL'
9 non-polymer 1,2-ETHANEDIOL
10 non-polymer 'ZINC ION'
11 non-polymer 'CHLORIDE ION'
12 water water
#
_entity_poly.entity_id   1
_entity_poly.type   'polypeptide(L)'
_entity_poly.pdbx_seq_one_letter_code
;LVTDEAEASKFVEEYDRTSQVVWNEYAGANWNYNTNITTETSKILLQKNMQIAQHTLKYGTQARKFDVNQLQNTTIKRII
KKVQDLERAALPAQELEEYNKILLDMETTYSVATVCHPQGSCLQLEPDLTNVMATSRKYEDLLWAWEGWRDKAGRAILQF
YPKYVELINQAARLNGYVDAGDSWRSMYETPSLEQDLERLFQELQPLYLNLHAYVRRALHRHYGAQHINLEGPIPAHLLG
NMWAQTWSNIYDLVVPFPSAPSMDTTEAMLKQGWTPRRMFKEADDFFTSLGLLPVPPEFWQKSMLEKPTDGREVVCHASA
WDFYNGKDFRIKQCTTVNLEDLVVAHHEMGHIQYFMQYKDLPVALREGANPGFHEAIGDVLALSVSTPKHLHSLNLLSSE
GGSDEHDINFLMKMALDKIAFIPFSYLVDQWRWRVFDGSITKENYNQEWWSLRLKYQGLCPPVPRTQGDFDPGAKFHIPS
SVPYIRYFVSFIIQFQFHEALCQAAGHTGPLHKCDIYQSKEAGQRLATAMKLGFSRPWPEAMQLITGQPQMSASAMLSYF
KPLLDWLRTENELHGEKLGWPQYNWTPNSARSEGPLP
;
_entity_poly.pdbx_strand_id   A
#
# COMPACT_ATOMS: atom_id res chain seq x y z
N ASP A 4 20.97 14.03 34.61
CA ASP A 4 21.31 13.55 33.27
C ASP A 4 20.15 12.72 32.72
N GLU A 5 19.88 11.58 33.37
CA GLU A 5 18.66 10.84 33.07
C GLU A 5 17.45 11.71 33.27
N ALA A 6 17.51 12.64 34.23
CA ALA A 6 16.38 13.51 34.52
C ALA A 6 16.17 14.55 33.42
N GLU A 7 17.26 15.12 32.89
CA GLU A 7 17.11 16.06 31.79
C GLU A 7 16.54 15.37 30.56
N ALA A 8 16.94 14.12 30.31
CA ALA A 8 16.46 13.42 29.12
C ALA A 8 14.98 13.09 29.23
N SER A 9 14.53 12.72 30.44
CA SER A 9 13.10 12.46 30.63
C SER A 9 12.28 13.73 30.44
N LYS A 10 12.73 14.84 31.02
CA LYS A 10 12.04 16.11 30.84
C LYS A 10 12.00 16.50 29.38
N PHE A 11 13.09 16.25 28.65
CA PHE A 11 13.14 16.63 27.25
C PHE A 11 12.08 15.90 26.44
N VAL A 12 11.91 14.58 26.67
CA VAL A 12 10.96 13.85 25.86
C VAL A 12 9.53 14.25 26.21
N GLU A 13 9.28 14.61 27.48
CA GLU A 13 7.95 15.13 27.84
C GLU A 13 7.65 16.43 27.11
N GLU A 14 8.62 17.35 27.07
CA GLU A 14 8.41 18.60 26.36
C GLU A 14 8.27 18.37 24.86
N TYR A 15 9.10 17.49 24.29
CA TYR A 15 8.94 17.17 22.88
C TYR A 15 7.54 16.66 22.58
N ASP A 16 7.01 15.80 23.46
CA ASP A 16 5.72 15.20 23.19
C ASP A 16 4.60 16.24 23.23
N ARG A 17 4.63 17.14 24.21
CA ARG A 17 3.57 18.13 24.33
C ARG A 17 3.56 19.08 23.14
N THR A 18 4.73 19.59 22.76
CA THR A 18 4.81 20.55 21.67
C THR A 18 4.56 19.87 20.32
N SER A 19 5.04 18.64 20.16
CA SER A 19 4.83 17.93 18.90
C SER A 19 3.35 17.71 18.62
N GLN A 20 2.58 17.34 19.64
CA GLN A 20 1.15 17.14 19.46
C GLN A 20 0.50 18.39 18.89
N VAL A 21 0.85 19.56 19.43
CA VAL A 21 0.25 20.81 18.96
C VAL A 21 0.66 21.09 17.53
N VAL A 22 1.96 21.05 17.26
CA VAL A 22 2.47 21.44 15.94
C VAL A 22 2.03 20.44 14.88
N TRP A 23 2.13 19.14 15.17
CA TRP A 23 1.74 18.16 14.16
C TRP A 23 0.24 18.23 13.90
N ASN A 24 -0.56 18.53 14.92
CA ASN A 24 -2.00 18.67 14.70
C ASN A 24 -2.28 19.83 13.75
N GLU A 25 -1.58 20.94 13.91
CA GLU A 25 -1.77 22.07 13.01
C GLU A 25 -1.33 21.72 11.60
N TYR A 26 -0.21 21.01 11.47
CA TYR A 26 0.25 20.65 10.14
C TYR A 26 -0.73 19.69 9.46
N ALA A 27 -1.17 18.67 10.19
CA ALA A 27 -2.13 17.72 9.61
C ALA A 27 -3.38 18.45 9.11
N GLY A 28 -3.84 19.45 9.86
CA GLY A 28 -5.02 20.19 9.43
C GLY A 28 -4.81 20.91 8.11
N ALA A 29 -3.67 21.61 7.97
CA ALA A 29 -3.40 22.29 6.71
C ALA A 29 -3.19 21.31 5.58
N ASN A 30 -2.55 20.17 5.88
CA ASN A 30 -2.35 19.14 4.87
C ASN A 30 -3.68 18.56 4.42
N TRP A 31 -4.58 18.29 5.37
CA TRP A 31 -5.90 17.82 5.01
C TRP A 31 -6.64 18.83 4.15
N ASN A 32 -6.57 20.11 4.53
CA ASN A 32 -7.32 21.13 3.82
C ASN A 32 -6.86 21.24 2.37
N TYR A 33 -5.57 21.03 2.11
CA TYR A 33 -5.10 21.01 0.73
C TYR A 33 -5.53 19.73 0.03
N ASN A 34 -5.33 18.58 0.67
CA ASN A 34 -5.65 17.31 0.04
C ASN A 34 -7.12 17.21 -0.35
N THR A 35 -8.00 17.89 0.39
CA THR A 35 -9.43 17.83 0.12
C THR A 35 -9.94 19.08 -0.58
N ASN A 36 -9.06 19.94 -1.06
CA ASN A 36 -9.46 21.23 -1.62
C ASN A 36 -8.21 21.89 -2.20
N ILE A 37 -7.74 21.38 -3.33
CA ILE A 37 -6.53 21.87 -3.98
C ILE A 37 -6.83 23.25 -4.55
N THR A 38 -6.21 24.28 -3.97
CA THR A 38 -6.34 25.64 -4.47
C THR A 38 -5.00 26.33 -4.26
N THR A 39 -4.85 27.52 -4.84
CA THR A 39 -3.64 28.28 -4.58
C THR A 39 -3.54 28.62 -3.10
N GLU A 40 -4.66 28.98 -2.46
CA GLU A 40 -4.63 29.44 -1.07
C GLU A 40 -4.26 28.30 -0.12
N THR A 41 -4.92 27.15 -0.24
CA THR A 41 -4.61 26.04 0.65
C THR A 41 -3.17 25.55 0.43
N SER A 42 -2.67 25.64 -0.81
CA SER A 42 -1.28 25.26 -1.04
C SER A 42 -0.34 26.24 -0.34
N LYS A 43 -0.65 27.53 -0.37
CA LYS A 43 0.20 28.52 0.28
C LYS A 43 0.21 28.33 1.80
N ILE A 44 -0.95 28.05 2.39
CA ILE A 44 -1.01 27.79 3.83
C ILE A 44 -0.20 26.55 4.19
N LEU A 45 -0.33 25.48 3.37
CA LEU A 45 0.42 24.25 3.64
C LEU A 45 1.93 24.51 3.62
N LEU A 46 2.41 25.22 2.60
CA LEU A 46 3.84 25.52 2.53
C LEU A 46 4.28 26.32 3.74
N GLN A 47 3.43 27.24 4.21
CA GLN A 47 3.74 27.99 5.43
C GLN A 47 3.82 27.06 6.64
N LYS A 48 2.87 26.13 6.76
CA LYS A 48 2.91 25.19 7.87
C LYS A 48 4.11 24.26 7.77
N ASN A 49 4.56 23.95 6.55
CA ASN A 49 5.80 23.18 6.40
C ASN A 49 6.96 23.86 7.10
N MET A 50 7.09 25.18 6.95
CA MET A 50 8.19 25.87 7.60
C MET A 50 8.01 25.89 9.11
N GLN A 51 6.76 25.94 9.58
CA GLN A 51 6.52 25.94 11.02
C GLN A 51 6.91 24.61 11.66
N ILE A 52 6.50 23.49 11.05
CA ILE A 52 6.87 22.21 11.63
C ILE A 52 8.38 22.01 11.53
N ALA A 53 9.01 22.55 10.48
CA ALA A 53 10.46 22.43 10.36
C ALA A 53 11.17 23.21 11.46
N GLN A 54 10.65 24.38 11.83
N GLN A 54 10.65 24.39 11.82
CA GLN A 54 11.24 25.12 12.94
CA GLN A 54 11.21 25.13 12.94
C GLN A 54 11.16 24.31 14.23
C GLN A 54 11.17 24.30 14.22
N HIS A 55 10.03 23.64 14.46
CA HIS A 55 9.89 22.79 15.63
C HIS A 55 10.86 21.63 15.57
N THR A 56 10.90 20.93 14.43
CA THR A 56 11.79 19.80 14.27
C THR A 56 13.24 20.19 14.53
N LEU A 57 13.65 21.34 14.00
CA LEU A 57 15.03 21.78 14.16
C LEU A 57 15.33 22.12 15.61
N LYS A 58 14.41 22.81 16.29
CA LYS A 58 14.61 23.14 17.70
C LYS A 58 14.85 21.88 18.52
N TYR A 59 13.94 20.91 18.42
CA TYR A 59 14.02 19.74 19.29
C TYR A 59 15.04 18.72 18.79
N GLY A 60 15.20 18.60 17.48
CA GLY A 60 16.25 17.74 16.96
C GLY A 60 17.64 18.21 17.35
N THR A 61 17.86 19.53 17.34
CA THR A 61 19.14 20.06 17.79
C THR A 61 19.38 19.75 19.26
N GLN A 62 18.37 19.95 20.10
CA GLN A 62 18.51 19.60 21.52
C GLN A 62 18.77 18.11 21.68
N ALA A 63 18.06 17.28 20.91
CA ALA A 63 18.17 15.84 21.07
C ALA A 63 19.59 15.36 20.75
N ARG A 64 20.23 15.99 19.77
CA ARG A 64 21.58 15.58 19.38
C ARG A 64 22.63 15.93 20.41
N LYS A 65 22.29 16.75 21.41
CA LYS A 65 23.23 17.06 22.48
C LYS A 65 23.20 16.03 23.60
N PHE A 66 22.24 15.09 23.57
CA PHE A 66 22.24 13.95 24.48
C PHE A 66 23.10 12.85 23.91
N ASP A 67 24.02 12.32 24.73
CA ASP A 67 24.74 11.09 24.38
C ASP A 67 23.83 9.93 24.76
N VAL A 68 23.13 9.35 23.78
CA VAL A 68 22.19 8.29 24.09
C VAL A 68 22.90 7.08 24.67
N ASN A 69 24.20 6.92 24.37
CA ASN A 69 24.95 5.80 24.93
C ASN A 69 24.87 5.80 26.46
N GLN A 70 24.86 6.98 27.07
CA GLN A 70 24.93 7.10 28.53
C GLN A 70 23.57 7.01 29.20
N LEU A 71 22.48 6.93 28.45
CA LEU A 71 21.15 6.90 29.02
C LEU A 71 20.76 5.47 29.39
N GLN A 72 20.13 5.32 30.55
CA GLN A 72 19.76 4.01 31.07
C GLN A 72 18.40 3.56 30.53
N ASN A 73 17.39 4.41 30.59
CA ASN A 73 16.05 4.01 30.20
C ASN A 73 15.98 3.81 28.69
N THR A 74 15.58 2.60 28.27
CA THR A 74 15.63 2.25 26.86
C THR A 74 14.58 3.01 26.05
N THR A 75 13.41 3.27 26.64
CA THR A 75 12.36 3.99 25.92
C THR A 75 12.76 5.43 25.66
N ILE A 76 13.32 6.11 26.67
CA ILE A 76 13.79 7.47 26.47
C ILE A 76 14.94 7.50 25.47
N LYS A 77 15.87 6.54 25.58
CA LYS A 77 16.91 6.35 24.59
C LYS A 77 16.32 6.28 23.18
N ARG A 78 15.27 5.48 23.02
CA ARG A 78 14.68 5.24 21.71
C ARG A 78 14.05 6.50 21.15
N ILE A 79 13.32 7.23 21.98
CA ILE A 79 12.68 8.46 21.53
C ILE A 79 13.72 9.50 21.13
N ILE A 80 14.74 9.69 21.97
CA ILE A 80 15.73 10.72 21.68
C ILE A 80 16.49 10.40 20.41
N LYS A 81 16.91 9.14 20.25
CA LYS A 81 17.59 8.75 19.02
C LYS A 81 16.75 9.08 17.80
N LYS A 82 15.44 8.82 17.87
CA LYS A 82 14.56 9.12 16.75
C LYS A 82 14.44 10.62 16.50
N VAL A 83 14.35 11.41 17.57
CA VAL A 83 14.20 12.85 17.41
C VAL A 83 15.47 13.50 16.86
N GLN A 84 16.61 12.83 16.98
CA GLN A 84 17.85 13.34 16.39
C GLN A 84 17.81 13.34 14.87
N ASP A 85 16.83 12.67 14.26
CA ASP A 85 16.67 12.64 12.82
C ASP A 85 15.71 13.75 12.44
N LEU A 86 16.25 14.82 11.84
CA LEU A 86 15.47 15.99 11.48
C LEU A 86 14.73 15.84 10.17
N GLU A 87 15.00 14.77 9.42
CA GLU A 87 14.43 14.59 8.09
C GLU A 87 14.70 15.87 7.29
N ARG A 88 13.70 16.33 6.54
CA ARG A 88 13.92 17.47 5.65
C ARG A 88 14.31 18.74 6.40
N ALA A 89 13.96 18.85 7.70
CA ALA A 89 14.29 20.05 8.44
C ALA A 89 15.79 20.23 8.64
N ALA A 90 16.60 19.23 8.29
CA ALA A 90 18.05 19.41 8.32
C ALA A 90 18.55 20.27 7.17
N LEU A 91 17.73 20.48 6.14
CA LEU A 91 18.19 21.23 4.99
C LEU A 91 18.32 22.72 5.32
N PRO A 92 19.27 23.43 4.69
CA PRO A 92 19.25 24.89 4.75
C PRO A 92 17.90 25.44 4.33
N ALA A 93 17.56 26.65 4.78
CA ALA A 93 16.22 27.19 4.55
C ALA A 93 15.87 27.25 3.07
N GLN A 94 16.83 27.69 2.24
CA GLN A 94 16.58 27.80 0.81
C GLN A 94 16.24 26.43 0.21
N GLU A 95 17.06 25.42 0.49
CA GLU A 95 16.81 24.09 -0.02
C GLU A 95 15.53 23.49 0.57
N LEU A 96 15.23 23.79 1.82
CA LEU A 96 13.99 23.27 2.41
C LEU A 96 12.78 23.83 1.68
N GLU A 97 12.75 25.14 1.47
CA GLU A 97 11.65 25.75 0.71
C GLU A 97 11.52 25.12 -0.66
N GLU A 98 12.64 24.93 -1.36
CA GLU A 98 12.60 24.32 -2.69
C GLU A 98 12.03 22.90 -2.61
N TYR A 99 12.52 22.11 -1.66
CA TYR A 99 12.07 20.73 -1.51
C TYR A 99 10.57 20.67 -1.27
N ASN A 100 10.06 21.46 -0.33
CA ASN A 100 8.64 21.43 -0.04
C ASN A 100 7.83 21.81 -1.27
N LYS A 101 8.31 22.79 -2.04
CA LYS A 101 7.59 23.18 -3.24
C LYS A 101 7.60 22.07 -4.28
N ILE A 102 8.74 21.39 -4.45
CA ILE A 102 8.82 20.26 -5.36
C ILE A 102 7.84 19.18 -4.97
N LEU A 103 7.81 18.82 -3.68
CA LEU A 103 6.90 17.78 -3.24
C LEU A 103 5.46 18.16 -3.53
N LEU A 104 5.09 19.40 -3.22
CA LEU A 104 3.71 19.84 -3.49
C LEU A 104 3.43 19.85 -4.98
N ASP A 105 4.38 20.31 -5.79
CA ASP A 105 4.17 20.35 -7.23
C ASP A 105 4.02 18.96 -7.81
N MET A 106 4.81 17.99 -7.32
CA MET A 106 4.70 16.64 -7.84
C MET A 106 3.35 16.01 -7.48
N GLU A 107 2.92 16.16 -6.22
CA GLU A 107 1.69 15.50 -5.84
C GLU A 107 0.48 16.19 -6.45
N THR A 108 0.55 17.51 -6.62
CA THR A 108 -0.52 18.21 -7.33
C THR A 108 -0.59 17.77 -8.78
N THR A 109 0.56 17.68 -9.46
CA THR A 109 0.58 17.27 -10.86
C THR A 109 -0.06 15.90 -11.04
N TYR A 110 0.29 14.94 -10.19
CA TYR A 110 -0.29 13.61 -10.30
C TYR A 110 -1.80 13.65 -10.07
N SER A 111 -2.25 14.42 -9.08
CA SER A 111 -3.65 14.33 -8.66
C SER A 111 -4.61 15.09 -9.57
N VAL A 112 -4.12 15.99 -10.42
CA VAL A 112 -5.00 16.75 -11.32
C VAL A 112 -4.80 16.38 -12.78
N ALA A 113 -3.91 15.44 -13.07
CA ALA A 113 -3.68 15.04 -14.45
C ALA A 113 -4.91 14.38 -15.04
N THR A 114 -5.19 14.69 -16.30
CA THR A 114 -6.28 14.05 -17.03
C THR A 114 -5.79 13.59 -18.40
N VAL A 115 -6.53 12.64 -18.97
CA VAL A 115 -6.27 12.11 -20.30
C VAL A 115 -7.48 12.39 -21.16
N CYS A 116 -7.28 13.11 -22.26
CA CYS A 116 -8.37 13.65 -23.05
C CYS A 116 -8.44 13.01 -24.43
N HIS A 117 -9.67 12.72 -24.88
CA HIS A 117 -9.90 12.43 -26.27
C HIS A 117 -9.89 13.74 -27.08
N PRO A 118 -9.43 13.69 -28.32
CA PRO A 118 -9.36 14.94 -29.11
C PRO A 118 -10.77 15.34 -29.55
N GLN A 119 -11.14 16.58 -29.23
CA GLN A 119 -12.52 17.02 -29.39
C GLN A 119 -13.46 16.07 -28.65
N GLY A 120 -13.04 15.67 -27.45
CA GLY A 120 -13.80 14.75 -26.63
C GLY A 120 -13.66 15.01 -25.15
N SER A 121 -14.12 14.07 -24.33
CA SER A 121 -14.11 14.26 -22.90
C SER A 121 -12.71 13.99 -22.34
N CYS A 122 -12.47 14.51 -21.14
CA CYS A 122 -11.21 14.33 -20.43
C CYS A 122 -11.44 13.43 -19.23
N LEU A 123 -10.60 12.41 -19.09
CA LEU A 123 -10.78 11.40 -18.06
C LEU A 123 -9.79 11.59 -16.92
N GLN A 124 -10.30 11.49 -15.69
CA GLN A 124 -9.44 11.46 -14.51
C GLN A 124 -9.06 10.02 -14.19
N LEU A 125 -7.99 9.87 -13.41
CA LEU A 125 -7.54 8.53 -13.05
C LEU A 125 -8.63 7.79 -12.28
N GLU A 126 -9.16 8.41 -11.21
CA GLU A 126 -10.25 7.84 -10.44
C GLU A 126 -11.50 8.68 -10.66
N PRO A 127 -12.63 8.09 -11.10
CA PRO A 127 -12.83 6.66 -11.39
C PRO A 127 -12.59 6.26 -12.85
N ASP A 128 -12.39 7.25 -13.72
CA ASP A 128 -12.60 7.03 -15.14
C ASP A 128 -11.57 6.06 -15.74
N LEU A 129 -10.29 6.40 -15.64
CA LEU A 129 -9.27 5.54 -16.25
C LEU A 129 -9.18 4.21 -15.52
N THR A 130 -9.33 4.23 -14.19
CA THR A 130 -9.39 2.99 -13.42
C THR A 130 -10.48 2.08 -13.95
N ASN A 131 -11.65 2.63 -14.26
N ASN A 131 -11.64 2.63 -14.28
CA ASN A 131 -12.75 1.82 -14.79
CA ASN A 131 -12.72 1.79 -14.78
C ASN A 131 -12.39 1.25 -16.15
C ASN A 131 -12.42 1.24 -16.17
N VAL A 132 -11.76 2.04 -17.01
CA VAL A 132 -11.38 1.55 -18.33
C VAL A 132 -10.44 0.37 -18.20
N MET A 133 -9.41 0.51 -17.38
CA MET A 133 -8.43 -0.57 -17.23
C MET A 133 -9.09 -1.82 -16.66
N ALA A 134 -10.09 -1.65 -15.81
CA ALA A 134 -10.71 -2.81 -15.14
C ALA A 134 -11.67 -3.55 -16.05
N THR A 135 -12.38 -2.85 -16.95
CA THR A 135 -13.51 -3.45 -17.64
C THR A 135 -13.35 -3.53 -19.15
N SER A 136 -12.52 -2.70 -19.77
CA SER A 136 -12.36 -2.79 -21.20
C SER A 136 -11.64 -4.08 -21.57
N ARG A 137 -12.07 -4.71 -22.64
CA ARG A 137 -11.40 -5.90 -23.16
C ARG A 137 -10.97 -5.67 -24.61
N LYS A 138 -10.77 -4.41 -24.97
CA LYS A 138 -10.30 -4.01 -26.29
C LYS A 138 -8.86 -3.55 -26.16
N TYR A 139 -7.95 -4.26 -26.85
CA TYR A 139 -6.52 -3.99 -26.75
C TYR A 139 -6.21 -2.51 -26.97
N GLU A 140 -6.84 -1.90 -27.98
CA GLU A 140 -6.49 -0.53 -28.34
C GLU A 140 -7.05 0.48 -27.34
N ASP A 141 -8.22 0.20 -26.74
CA ASP A 141 -8.76 1.10 -25.72
C ASP A 141 -7.92 1.04 -24.45
N LEU A 142 -7.53 -0.16 -24.03
CA LEU A 142 -6.62 -0.31 -22.89
C LEU A 142 -5.31 0.41 -23.15
N LEU A 143 -4.79 0.31 -24.38
CA LEU A 143 -3.52 0.95 -24.70
C LEU A 143 -3.63 2.46 -24.61
N TRP A 144 -4.74 3.02 -25.11
CA TRP A 144 -4.96 4.45 -25.05
C TRP A 144 -4.92 4.95 -23.61
N ALA A 145 -5.60 4.25 -22.70
CA ALA A 145 -5.61 4.66 -21.30
C ALA A 145 -4.23 4.49 -20.67
N TRP A 146 -3.58 3.36 -20.94
CA TRP A 146 -2.29 3.04 -20.35
C TRP A 146 -1.23 4.04 -20.79
N GLU A 147 -1.14 4.28 -22.10
CA GLU A 147 -0.15 5.20 -22.64
C GLU A 147 -0.51 6.63 -22.28
N GLY A 148 -1.79 6.98 -22.40
CA GLY A 148 -2.20 8.34 -22.14
C GLY A 148 -1.92 8.77 -20.71
N TRP A 149 -2.16 7.88 -19.74
CA TRP A 149 -1.87 8.21 -18.35
C TRP A 149 -0.39 8.45 -18.14
N ARG A 150 0.47 7.64 -18.76
CA ARG A 150 1.91 7.83 -18.60
C ARG A 150 2.37 9.09 -19.32
N ASP A 151 1.78 9.38 -20.49
CA ASP A 151 2.14 10.60 -21.22
C ASP A 151 1.82 11.85 -20.41
N LYS A 152 0.69 11.85 -19.69
CA LYS A 152 0.25 13.05 -18.98
C LYS A 152 0.81 13.12 -17.57
N ALA A 153 0.64 12.05 -16.79
CA ALA A 153 1.13 12.08 -15.42
C ALA A 153 2.63 11.82 -15.34
N GLY A 154 3.09 10.73 -15.97
CA GLY A 154 4.49 10.36 -15.83
C GLY A 154 5.44 11.40 -16.40
N ARG A 155 5.23 11.80 -17.65
CA ARG A 155 6.17 12.72 -18.27
C ARG A 155 6.21 14.05 -17.53
N ALA A 156 5.09 14.46 -16.92
CA ALA A 156 5.05 15.74 -16.22
C ALA A 156 5.80 15.71 -14.90
N ILE A 157 6.03 14.53 -14.31
CA ILE A 157 6.78 14.45 -13.07
C ILE A 157 8.29 14.49 -13.32
N LEU A 158 8.75 14.17 -14.52
CA LEU A 158 10.18 14.05 -14.78
C LEU A 158 10.92 15.35 -14.53
N GLN A 159 10.29 16.49 -14.82
CA GLN A 159 10.97 17.77 -14.62
C GLN A 159 11.34 17.98 -13.16
N PHE A 160 10.62 17.33 -12.24
CA PHE A 160 10.85 17.53 -10.81
C PHE A 160 11.77 16.50 -10.19
N TYR A 161 11.87 15.30 -10.76
CA TYR A 161 12.35 14.18 -9.98
C TYR A 161 13.84 14.26 -9.67
N PRO A 162 14.70 14.68 -10.61
CA PRO A 162 16.13 14.76 -10.26
C PRO A 162 16.40 15.70 -9.10
N LYS A 163 15.72 16.84 -9.03
CA LYS A 163 15.95 17.75 -7.91
C LYS A 163 15.40 17.18 -6.62
N TYR A 164 14.24 16.52 -6.68
CA TYR A 164 13.72 15.79 -5.53
C TYR A 164 14.75 14.81 -4.99
N VAL A 165 15.36 14.02 -5.88
CA VAL A 165 16.35 13.03 -5.44
C VAL A 165 17.53 13.70 -4.78
N GLU A 166 18.06 14.75 -5.40
CA GLU A 166 19.17 15.48 -4.82
C GLU A 166 18.84 15.95 -3.41
N LEU A 167 17.66 16.54 -3.23
CA LEU A 167 17.34 17.16 -1.95
C LEU A 167 16.99 16.12 -0.89
N ILE A 168 16.25 15.06 -1.24
CA ILE A 168 15.93 14.06 -0.23
C ILE A 168 17.20 13.31 0.16
N ASN A 169 18.13 13.10 -0.77
CA ASN A 169 19.42 12.50 -0.42
C ASN A 169 20.23 13.44 0.47
N GLN A 170 20.26 14.74 0.13
CA GLN A 170 21.01 15.69 0.94
C GLN A 170 20.49 15.69 2.37
N ALA A 171 19.17 15.70 2.55
CA ALA A 171 18.60 15.65 3.89
C ALA A 171 19.01 14.36 4.60
N ALA A 172 18.96 13.22 3.91
CA ALA A 172 19.36 11.97 4.52
C ALA A 172 20.81 12.01 4.98
N ARG A 173 21.72 12.54 4.16
CA ARG A 173 23.13 12.60 4.56
C ARG A 173 23.32 13.51 5.76
N LEU A 174 22.58 14.62 5.82
CA LEU A 174 22.66 15.52 6.95
C LEU A 174 22.10 14.92 8.22
N ASN A 175 21.40 13.79 8.14
CA ASN A 175 20.91 13.08 9.30
C ASN A 175 21.65 11.77 9.55
N GLY A 176 22.80 11.58 8.91
CA GLY A 176 23.66 10.46 9.22
C GLY A 176 23.52 9.23 8.35
N TYR A 177 22.70 9.29 7.31
CA TYR A 177 22.51 8.17 6.40
C TYR A 177 23.37 8.37 5.15
N VAL A 178 23.52 7.30 4.36
CA VAL A 178 24.31 7.48 3.14
C VAL A 178 23.44 8.05 2.02
N ASP A 179 22.15 7.75 2.03
CA ASP A 179 21.21 8.29 1.05
C ASP A 179 19.80 8.05 1.59
N ALA A 180 18.80 8.55 0.85
CA ALA A 180 17.42 8.46 1.32
C ALA A 180 16.93 7.01 1.40
N GLY A 181 17.39 6.14 0.50
CA GLY A 181 16.97 4.74 0.57
C GLY A 181 17.48 4.07 1.83
N ASP A 182 18.73 4.32 2.19
CA ASP A 182 19.27 3.90 3.46
C ASP A 182 18.39 4.36 4.62
N SER A 183 18.00 5.63 4.60
N SER A 183 17.96 5.62 4.59
CA SER A 183 17.11 6.16 5.64
CA SER A 183 17.13 6.13 5.68
C SER A 183 15.80 5.38 5.68
C SER A 183 15.77 5.43 5.69
N TRP A 184 15.19 5.16 4.51
CA TRP A 184 13.91 4.47 4.48
C TRP A 184 14.04 3.04 5.00
N ARG A 185 15.08 2.32 4.60
CA ARG A 185 15.23 0.95 5.06
C ARG A 185 15.42 0.89 6.57
N SER A 186 16.04 1.92 7.16
N SER A 186 16.04 1.91 7.16
CA SER A 186 16.29 1.94 8.59
CA SER A 186 16.29 1.89 8.60
C SER A 186 15.00 1.86 9.40
C SER A 186 15.01 1.92 9.43
N MET A 187 13.86 2.23 8.81
CA MET A 187 12.60 2.15 9.54
C MET A 187 12.28 0.75 10.04
N TYR A 188 12.89 -0.29 9.46
CA TYR A 188 12.67 -1.68 9.88
C TYR A 188 13.61 -2.11 10.99
N GLU A 189 14.65 -1.33 11.29
CA GLU A 189 15.62 -1.68 12.32
C GLU A 189 16.13 -3.11 12.15
N THR A 190 16.33 -3.50 10.90
CA THR A 190 16.68 -4.88 10.55
C THR A 190 17.84 -4.87 9.58
N PRO A 191 19.07 -5.03 10.06
CA PRO A 191 20.22 -4.93 9.15
C PRO A 191 20.18 -5.92 7.99
N SER A 192 19.55 -7.08 8.18
CA SER A 192 19.45 -8.09 7.15
C SER A 192 18.26 -7.89 6.21
N LEU A 193 17.64 -6.71 6.22
CA LEU A 193 16.39 -6.50 5.49
C LEU A 193 16.48 -6.93 4.03
N GLU A 194 17.51 -6.49 3.31
CA GLU A 194 17.53 -6.76 1.87
C GLU A 194 17.62 -8.25 1.59
N GLN A 195 18.45 -8.97 2.34
CA GLN A 195 18.54 -10.42 2.15
C GLN A 195 17.26 -11.11 2.59
N ASP A 196 16.66 -10.65 3.69
CA ASP A 196 15.43 -11.26 4.17
C ASP A 196 14.32 -11.14 3.14
N LEU A 197 14.18 -9.96 2.53
CA LEU A 197 13.11 -9.77 1.55
C LEU A 197 13.40 -10.56 0.28
N GLU A 198 14.67 -10.65 -0.11
CA GLU A 198 15.01 -11.44 -1.29
C GLU A 198 14.66 -12.91 -1.08
N ARG A 199 14.94 -13.44 0.11
CA ARG A 199 14.60 -14.83 0.40
C ARG A 199 13.10 -15.06 0.33
N LEU A 200 12.31 -14.14 0.90
CA LEU A 200 10.87 -14.27 0.84
C LEU A 200 10.37 -14.19 -0.60
N PHE A 201 10.89 -13.24 -1.37
CA PHE A 201 10.53 -13.15 -2.78
C PHE A 201 10.80 -14.47 -3.50
N GLN A 202 11.96 -15.07 -3.26
CA GLN A 202 12.29 -16.31 -3.95
C GLN A 202 11.32 -17.43 -3.56
N GLU A 203 10.87 -17.44 -2.31
CA GLU A 203 9.95 -18.50 -1.90
C GLU A 203 8.60 -18.40 -2.60
N LEU A 204 8.21 -17.21 -3.04
CA LEU A 204 6.95 -17.02 -3.75
C LEU A 204 7.07 -17.23 -5.25
N GLN A 205 8.26 -17.59 -5.75
CA GLN A 205 8.42 -17.70 -7.19
C GLN A 205 7.60 -18.85 -7.78
N PRO A 206 7.59 -20.04 -7.20
CA PRO A 206 6.73 -21.10 -7.77
C PRO A 206 5.29 -20.66 -7.98
N LEU A 207 4.69 -20.00 -6.98
CA LEU A 207 3.32 -19.54 -7.15
C LEU A 207 3.23 -18.47 -8.23
N TYR A 208 4.11 -17.47 -8.19
CA TYR A 208 3.98 -16.38 -9.16
C TYR A 208 4.21 -16.89 -10.58
N LEU A 209 5.26 -17.68 -10.78
CA LEU A 209 5.56 -18.14 -12.13
C LEU A 209 4.41 -18.98 -12.69
N ASN A 210 3.79 -19.79 -11.86
CA ASN A 210 2.68 -20.61 -12.34
C ASN A 210 1.44 -19.74 -12.60
N LEU A 211 1.17 -18.76 -11.74
CA LEU A 211 0.06 -17.86 -12.00
C LEU A 211 0.28 -17.08 -13.28
N HIS A 212 1.51 -16.57 -13.46
CA HIS A 212 1.85 -15.80 -14.64
C HIS A 212 1.64 -16.61 -15.93
N ALA A 213 2.11 -17.85 -15.94
CA ALA A 213 1.97 -18.66 -17.15
C ALA A 213 0.51 -18.98 -17.45
N TYR A 214 -0.29 -19.22 -16.39
CA TYR A 214 -1.70 -19.52 -16.59
C TYR A 214 -2.46 -18.30 -17.12
N VAL A 215 -2.21 -17.13 -16.55
CA VAL A 215 -2.84 -15.91 -17.04
C VAL A 215 -2.36 -15.58 -18.44
N ARG A 216 -1.07 -15.76 -18.72
CA ARG A 216 -0.56 -15.52 -20.06
C ARG A 216 -1.30 -16.38 -21.07
N ARG A 217 -1.53 -17.66 -20.74
CA ARG A 217 -2.28 -18.53 -21.64
C ARG A 217 -3.69 -18.01 -21.86
N ALA A 218 -4.36 -17.57 -20.79
CA ALA A 218 -5.73 -17.07 -20.93
C ALA A 218 -5.76 -15.79 -21.77
N LEU A 219 -4.75 -14.93 -21.62
CA LEU A 219 -4.70 -13.73 -22.46
C LEU A 219 -4.47 -14.07 -23.91
N HIS A 220 -3.60 -15.05 -24.18
CA HIS A 220 -3.41 -15.59 -25.53
C HIS A 220 -4.73 -16.05 -26.13
N ARG A 221 -5.55 -16.73 -25.33
CA ARG A 221 -6.86 -17.18 -25.79
C ARG A 221 -7.74 -16.01 -26.16
N HIS A 222 -7.71 -14.94 -25.38
CA HIS A 222 -8.65 -13.84 -25.60
C HIS A 222 -8.14 -12.81 -26.60
N TYR A 223 -6.88 -12.38 -26.47
CA TYR A 223 -6.38 -11.29 -27.30
C TYR A 223 -5.64 -11.77 -28.54
N GLY A 224 -5.37 -13.06 -28.66
CA GLY A 224 -4.87 -13.62 -29.89
C GLY A 224 -3.39 -13.93 -29.86
N ALA A 225 -3.01 -14.97 -30.61
CA ALA A 225 -1.62 -15.42 -30.65
C ALA A 225 -0.68 -14.35 -31.18
N GLN A 226 -1.17 -13.43 -32.00
CA GLN A 226 -0.30 -12.39 -32.52
C GLN A 226 0.07 -11.36 -31.47
N HIS A 227 -0.61 -11.33 -30.33
CA HIS A 227 -0.39 -10.32 -29.32
C HIS A 227 0.16 -10.87 -28.01
N ILE A 228 0.25 -12.18 -27.87
CA ILE A 228 0.74 -12.81 -26.65
C ILE A 228 1.77 -13.86 -27.03
N ASN A 229 3.00 -13.68 -26.56
CA ASN A 229 4.08 -14.66 -26.72
C ASN A 229 4.04 -15.62 -25.53
N LEU A 230 3.75 -16.90 -25.80
CA LEU A 230 3.58 -17.86 -24.72
C LEU A 230 4.88 -18.18 -23.98
N GLU A 231 6.02 -17.71 -24.48
CA GLU A 231 7.29 -17.86 -23.78
C GLU A 231 7.89 -16.53 -23.39
N GLY A 232 7.11 -15.45 -23.44
CA GLY A 232 7.62 -14.13 -23.18
C GLY A 232 6.85 -13.40 -22.12
N PRO A 233 7.22 -12.13 -21.90
CA PRO A 233 6.52 -11.33 -20.90
C PRO A 233 5.14 -10.92 -21.40
N ILE A 234 4.28 -10.57 -20.45
CA ILE A 234 2.89 -10.18 -20.72
C ILE A 234 2.83 -8.68 -20.97
N PRO A 235 2.11 -8.21 -21.99
CA PRO A 235 1.93 -6.75 -22.16
C PRO A 235 1.23 -6.14 -20.94
N ALA A 236 1.76 -5.01 -20.48
CA ALA A 236 1.45 -4.50 -19.15
C ALA A 236 0.08 -3.84 -19.03
N HIS A 237 -0.66 -3.69 -20.12
CA HIS A 237 -1.95 -3.02 -20.08
C HIS A 237 -3.13 -3.98 -20.05
N LEU A 238 -2.88 -5.29 -19.96
CA LEU A 238 -3.92 -6.29 -20.11
C LEU A 238 -4.35 -6.93 -18.81
N LEU A 239 -3.92 -6.42 -17.65
CA LEU A 239 -4.11 -7.12 -16.39
C LEU A 239 -5.20 -6.50 -15.52
N GLY A 240 -5.99 -5.57 -16.04
CA GLY A 240 -7.14 -5.02 -15.34
C GLY A 240 -6.84 -3.86 -14.42
N ASN A 241 -5.60 -3.40 -14.39
CA ASN A 241 -5.13 -2.44 -13.39
C ASN A 241 -4.08 -1.58 -14.07
N MET A 242 -4.08 -0.28 -13.75
CA MET A 242 -3.23 0.65 -14.48
C MET A 242 -1.75 0.29 -14.37
N TRP A 243 -1.33 -0.32 -13.27
CA TRP A 243 0.07 -0.67 -13.02
C TRP A 243 0.30 -2.17 -13.09
N ALA A 244 -0.73 -2.95 -13.46
CA ALA A 244 -0.65 -4.40 -13.46
C ALA A 244 -0.13 -4.91 -12.12
N GLN A 245 -0.50 -4.23 -11.03
CA GLN A 245 0.00 -4.61 -9.72
C GLN A 245 -0.89 -5.65 -9.06
N THR A 246 -2.18 -5.65 -9.38
CA THR A 246 -3.16 -6.66 -8.99
C THR A 246 -3.95 -6.97 -10.25
N TRP A 247 -4.35 -8.24 -10.39
CA TRP A 247 -4.92 -8.71 -11.64
C TRP A 247 -6.36 -9.19 -11.50
N SER A 248 -7.01 -8.96 -10.36
CA SER A 248 -8.30 -9.64 -10.14
C SER A 248 -9.40 -9.12 -11.06
N ASN A 249 -9.23 -7.95 -11.67
CA ASN A 249 -10.28 -7.46 -12.56
C ASN A 249 -10.37 -8.23 -13.86
N ILE A 250 -9.40 -9.07 -14.20
CA ILE A 250 -9.52 -9.94 -15.36
C ILE A 250 -9.89 -11.37 -14.96
N TYR A 251 -10.45 -11.55 -13.76
CA TYR A 251 -10.94 -12.86 -13.35
C TYR A 251 -11.83 -13.49 -14.42
N ASP A 252 -12.66 -12.68 -15.09
CA ASP A 252 -13.58 -13.19 -16.10
C ASP A 252 -12.86 -13.88 -17.24
N LEU A 253 -11.63 -13.46 -17.54
CA LEU A 253 -10.86 -14.08 -18.61
C LEU A 253 -10.14 -15.35 -18.16
N VAL A 254 -10.00 -15.56 -16.85
CA VAL A 254 -9.11 -16.62 -16.37
C VAL A 254 -9.80 -17.58 -15.41
N VAL A 255 -11.11 -17.50 -15.32
CA VAL A 255 -11.86 -18.34 -14.40
C VAL A 255 -11.47 -19.81 -14.54
N PRO A 256 -10.98 -20.46 -13.48
CA PRO A 256 -10.62 -21.89 -13.62
C PRO A 256 -11.78 -22.77 -14.05
N PHE A 257 -12.95 -22.56 -13.45
CA PHE A 257 -14.12 -23.40 -13.66
C PHE A 257 -15.28 -22.50 -14.03
N PRO A 258 -15.40 -22.13 -15.31
CA PRO A 258 -16.52 -21.26 -15.73
C PRO A 258 -17.89 -21.90 -15.51
N SER A 259 -17.96 -23.21 -15.28
CA SER A 259 -19.21 -23.85 -14.92
C SER A 259 -19.64 -23.53 -13.50
N ALA A 260 -18.78 -22.90 -12.70
CA ALA A 260 -19.10 -22.46 -11.34
C ALA A 260 -19.05 -20.94 -11.29
N PRO A 261 -20.04 -20.27 -11.90
CA PRO A 261 -19.98 -18.81 -12.01
C PRO A 261 -20.25 -18.12 -10.68
N SER A 262 -19.69 -16.93 -10.53
CA SER A 262 -19.85 -16.10 -9.35
C SER A 262 -20.77 -14.92 -9.64
N MET A 263 -21.53 -14.51 -8.62
N MET A 263 -21.52 -14.50 -8.63
CA MET A 263 -22.36 -13.33 -8.75
CA MET A 263 -22.39 -13.35 -8.79
C MET A 263 -21.52 -12.11 -9.12
C MET A 263 -21.57 -12.09 -9.07
N ASP A 264 -22.12 -11.23 -9.91
CA ASP A 264 -21.51 -9.93 -10.23
C ASP A 264 -21.60 -9.09 -8.97
N THR A 265 -20.49 -8.93 -8.26
CA THR A 265 -20.53 -8.26 -6.96
C THR A 265 -20.81 -6.77 -7.09
N THR A 266 -20.32 -6.12 -8.16
CA THR A 266 -20.61 -4.70 -8.32
C THR A 266 -22.11 -4.46 -8.48
N GLU A 267 -22.72 -5.18 -9.42
CA GLU A 267 -24.16 -5.04 -9.62
C GLU A 267 -24.92 -5.43 -8.36
N ALA A 268 -24.44 -6.41 -7.61
CA ALA A 268 -25.10 -6.78 -6.36
C ALA A 268 -25.04 -5.63 -5.35
N MET A 269 -23.89 -4.99 -5.22
CA MET A 269 -23.76 -3.87 -4.29
C MET A 269 -24.65 -2.70 -4.72
N LEU A 270 -24.66 -2.38 -6.01
CA LEU A 270 -25.50 -1.30 -6.49
C LEU A 270 -26.99 -1.63 -6.34
N LYS A 271 -27.39 -2.81 -6.81
CA LYS A 271 -28.81 -3.18 -6.72
C LYS A 271 -29.32 -3.08 -5.30
N GLN A 272 -28.49 -3.45 -4.32
CA GLN A 272 -28.89 -3.48 -2.93
C GLN A 272 -28.63 -2.17 -2.21
N GLY A 273 -28.31 -1.10 -2.94
CA GLY A 273 -28.24 0.21 -2.33
C GLY A 273 -27.04 0.46 -1.46
N TRP A 274 -25.93 -0.23 -1.73
CA TRP A 274 -24.70 0.07 -1.03
C TRP A 274 -24.21 1.47 -1.40
N THR A 275 -23.62 2.14 -0.42
CA THR A 275 -23.06 3.48 -0.53
C THR A 275 -21.67 3.45 0.09
N PRO A 276 -20.86 4.47 -0.18
CA PRO A 276 -19.57 4.57 0.56
C PRO A 276 -19.74 4.51 2.07
N ARG A 277 -20.72 5.21 2.63
CA ARG A 277 -20.90 5.18 4.08
C ARG A 277 -21.19 3.76 4.57
N ARG A 278 -22.04 3.03 3.85
CA ARG A 278 -22.32 1.64 4.23
C ARG A 278 -21.05 0.81 4.21
N MET A 279 -20.21 1.01 3.19
CA MET A 279 -18.97 0.24 3.09
C MET A 279 -18.09 0.45 4.32
N PHE A 280 -17.97 1.70 4.78
CA PHE A 280 -17.13 1.97 5.95
C PHE A 280 -17.81 1.51 7.24
N LYS A 281 -19.15 1.54 7.28
CA LYS A 281 -19.86 1.00 8.43
C LYS A 281 -19.67 -0.50 8.55
N GLU A 282 -19.64 -1.21 7.42
CA GLU A 282 -19.39 -2.65 7.48
C GLU A 282 -18.00 -2.94 8.01
N ALA A 283 -17.00 -2.20 7.54
CA ALA A 283 -15.65 -2.35 8.07
C ALA A 283 -15.60 -2.05 9.56
N ASP A 284 -16.22 -0.94 9.99
CA ASP A 284 -16.28 -0.62 11.41
C ASP A 284 -16.89 -1.78 12.20
N ASP A 285 -17.96 -2.39 11.66
CA ASP A 285 -18.59 -3.51 12.35
C ASP A 285 -17.64 -4.70 12.48
N PHE A 286 -16.86 -4.98 11.43
CA PHE A 286 -15.93 -6.10 11.52
C PHE A 286 -14.93 -5.88 12.64
N PHE A 287 -14.38 -4.67 12.73
CA PHE A 287 -13.42 -4.38 13.80
C PHE A 287 -14.07 -4.52 15.17
N THR A 288 -15.25 -3.94 15.37
CA THR A 288 -15.88 -4.06 16.68
C THR A 288 -16.31 -5.49 16.97
N SER A 289 -16.56 -6.31 15.93
CA SER A 289 -16.91 -7.70 16.18
C SER A 289 -15.74 -8.46 16.81
N LEU A 290 -14.51 -8.01 16.57
CA LEU A 290 -13.34 -8.63 17.19
C LEU A 290 -13.05 -8.07 18.57
N GLY A 291 -13.90 -7.17 19.07
CA GLY A 291 -13.61 -6.49 20.31
C GLY A 291 -12.69 -5.31 20.17
N LEU A 292 -12.36 -4.91 18.94
CA LEU A 292 -11.50 -3.77 18.69
C LEU A 292 -12.35 -2.49 18.75
N LEU A 293 -11.71 -1.35 18.54
CA LEU A 293 -12.32 -0.06 18.84
C LEU A 293 -13.17 0.44 17.67
N PRO A 294 -14.34 0.99 17.96
CA PRO A 294 -15.11 1.69 16.92
C PRO A 294 -14.48 3.03 16.63
N VAL A 295 -14.67 3.52 15.40
CA VAL A 295 -14.19 4.86 15.08
C VAL A 295 -15.08 5.86 15.83
N PRO A 296 -14.56 7.01 16.23
CA PRO A 296 -15.36 7.96 17.01
C PRO A 296 -16.39 8.65 16.14
N PRO A 297 -17.43 9.22 16.75
CA PRO A 297 -18.42 9.98 15.94
C PRO A 297 -17.78 11.04 15.07
N GLU A 298 -16.71 11.67 15.54
CA GLU A 298 -16.03 12.71 14.77
C GLU A 298 -15.55 12.19 13.42
N PHE A 299 -15.14 10.92 13.36
CA PHE A 299 -14.72 10.33 12.09
C PHE A 299 -15.80 10.46 11.03
N TRP A 300 -17.06 10.20 11.40
CA TRP A 300 -18.13 10.24 10.42
C TRP A 300 -18.47 11.67 10.01
N GLN A 301 -18.20 12.63 10.88
CA GLN A 301 -18.47 14.03 10.57
C GLN A 301 -17.41 14.64 9.66
N LYS A 302 -16.14 14.26 9.85
CA LYS A 302 -15.05 14.96 9.20
C LYS A 302 -14.41 14.22 8.03
N SER A 303 -14.64 12.93 7.89
CA SER A 303 -13.99 12.19 6.81
C SER A 303 -14.57 12.58 5.45
N MET A 304 -13.78 12.38 4.42
CA MET A 304 -14.20 12.58 3.03
C MET A 304 -14.27 11.19 2.40
N LEU A 305 -15.46 10.59 2.39
CA LEU A 305 -15.62 9.21 1.96
C LEU A 305 -16.09 9.06 0.53
N GLU A 306 -16.29 10.18 -0.18
CA GLU A 306 -16.61 10.13 -1.60
C GLU A 306 -16.04 11.38 -2.25
N LYS A 307 -15.85 11.29 -3.56
CA LYS A 307 -15.35 12.42 -4.32
C LYS A 307 -16.34 13.56 -4.27
N PRO A 308 -15.90 14.77 -3.86
CA PRO A 308 -16.83 15.91 -3.86
C PRO A 308 -17.41 16.18 -5.24
N THR A 309 -18.65 16.67 -5.24
CA THR A 309 -19.32 17.10 -6.45
C THR A 309 -19.41 18.61 -6.56
N ASP A 310 -18.97 19.34 -5.54
CA ASP A 310 -19.14 20.79 -5.46
C ASP A 310 -18.07 21.56 -6.24
N GLY A 311 -17.35 20.90 -7.15
CA GLY A 311 -16.34 21.55 -7.95
C GLY A 311 -14.92 21.38 -7.44
N ARG A 312 -14.75 21.07 -6.15
CA ARG A 312 -13.42 20.95 -5.58
C ARG A 312 -12.56 19.95 -6.36
N GLU A 313 -11.28 20.28 -6.48
CA GLU A 313 -10.27 19.31 -6.86
C GLU A 313 -9.64 18.72 -5.61
N VAL A 314 -9.46 17.40 -5.60
CA VAL A 314 -8.96 16.70 -4.43
C VAL A 314 -7.89 15.69 -4.84
N VAL A 315 -7.10 15.28 -3.87
CA VAL A 315 -6.25 14.11 -3.98
C VAL A 315 -7.14 12.90 -3.73
N CYS A 316 -7.45 12.15 -4.79
CA CYS A 316 -8.40 11.05 -4.62
C CYS A 316 -7.79 9.81 -4.01
N HIS A 317 -6.48 9.63 -4.12
CA HIS A 317 -5.85 8.39 -3.66
C HIS A 317 -6.14 8.16 -2.17
N ALA A 318 -6.68 6.98 -1.87
CA ALA A 318 -7.18 6.71 -0.52
C ALA A 318 -6.08 6.81 0.52
N SER A 319 -6.42 7.40 1.67
CA SER A 319 -5.46 7.52 2.77
C SER A 319 -6.18 7.71 4.09
N ALA A 320 -5.46 7.40 5.17
CA ALA A 320 -5.96 7.47 6.53
C ALA A 320 -5.11 8.45 7.33
N TRP A 321 -5.76 9.25 8.16
CA TRP A 321 -5.16 10.45 8.74
C TRP A 321 -5.26 10.44 10.26
N ASP A 322 -4.12 10.67 10.90
CA ASP A 322 -4.02 10.84 12.35
C ASP A 322 -3.71 12.31 12.59
N PHE A 323 -4.56 12.98 13.38
CA PHE A 323 -4.35 14.39 13.67
C PHE A 323 -3.66 14.61 15.00
N TYR A 324 -3.15 13.54 15.60
CA TYR A 324 -2.20 13.60 16.71
C TYR A 324 -2.76 14.29 17.93
N ASN A 325 -4.07 14.17 18.16
CA ASN A 325 -4.67 14.62 19.41
C ASN A 325 -5.44 13.51 20.11
N GLY A 326 -5.35 12.28 19.61
CA GLY A 326 -6.02 11.15 20.23
C GLY A 326 -7.51 11.08 20.03
N LYS A 327 -8.08 11.97 19.22
CA LYS A 327 -9.53 12.04 19.07
C LYS A 327 -9.98 12.16 17.62
N ASP A 328 -9.16 12.80 16.79
CA ASP A 328 -9.53 13.20 15.42
C ASP A 328 -8.78 12.28 14.46
N PHE A 329 -9.51 11.32 13.88
CA PHE A 329 -8.99 10.39 12.89
C PHE A 329 -9.92 10.44 11.69
N ARG A 330 -9.37 10.39 10.48
CA ARG A 330 -10.20 10.56 9.30
C ARG A 330 -9.69 9.72 8.14
N ILE A 331 -10.60 9.37 7.23
CA ILE A 331 -10.25 8.77 5.95
C ILE A 331 -10.62 9.74 4.84
N LYS A 332 -9.78 9.80 3.82
CA LYS A 332 -9.99 10.58 2.61
C LYS A 332 -9.94 9.59 1.45
N GLN A 333 -11.10 9.23 0.89
CA GLN A 333 -11.17 8.24 -0.17
C GLN A 333 -12.28 8.62 -1.15
N CYS A 334 -11.96 8.59 -2.44
CA CYS A 334 -12.96 8.81 -3.48
C CYS A 334 -13.65 7.48 -3.80
N THR A 335 -14.47 7.06 -2.85
CA THR A 335 -14.98 5.69 -2.84
C THR A 335 -15.93 5.44 -4.01
N THR A 336 -15.71 4.31 -4.67
CA THR A 336 -16.62 3.76 -5.67
C THR A 336 -17.29 2.53 -5.06
N VAL A 337 -18.54 2.30 -5.44
CA VAL A 337 -19.26 1.15 -4.89
C VAL A 337 -18.91 -0.10 -5.68
N ASN A 338 -17.88 -0.82 -5.23
CA ASN A 338 -17.53 -2.11 -5.79
C ASN A 338 -16.72 -2.86 -4.75
N LEU A 339 -16.46 -4.14 -5.02
CA LEU A 339 -15.80 -4.97 -4.02
C LEU A 339 -14.37 -4.52 -3.79
N GLU A 340 -13.67 -4.11 -4.86
CA GLU A 340 -12.29 -3.65 -4.71
C GLU A 340 -12.20 -2.50 -3.73
N ASP A 341 -13.09 -1.51 -3.84
CA ASP A 341 -13.03 -0.39 -2.91
C ASP A 341 -13.52 -0.76 -1.52
N LEU A 342 -14.33 -1.81 -1.40
CA LEU A 342 -14.64 -2.33 -0.08
C LEU A 342 -13.38 -2.84 0.60
N VAL A 343 -12.50 -3.50 -0.16
CA VAL A 343 -11.23 -3.94 0.41
C VAL A 343 -10.36 -2.75 0.76
N VAL A 344 -10.32 -1.74 -0.12
CA VAL A 344 -9.60 -0.50 0.21
C VAL A 344 -10.14 0.10 1.50
N ALA A 345 -11.46 0.13 1.65
CA ALA A 345 -12.02 0.73 2.85
C ALA A 345 -11.56 -0.01 4.10
N HIS A 346 -11.47 -1.35 4.02
CA HIS A 346 -10.96 -2.11 5.16
C HIS A 346 -9.49 -1.83 5.40
N HIS A 347 -8.71 -1.73 4.32
CA HIS A 347 -7.30 -1.37 4.45
C HIS A 347 -7.16 -0.06 5.22
N GLU A 348 -7.93 0.95 4.83
CA GLU A 348 -7.79 2.27 5.45
C GLU A 348 -8.30 2.26 6.88
N MET A 349 -9.37 1.50 7.14
CA MET A 349 -9.87 1.39 8.50
C MET A 349 -8.90 0.65 9.40
N GLY A 350 -8.03 -0.20 8.84
CA GLY A 350 -6.98 -0.79 9.64
C GLY A 350 -5.96 0.23 10.11
N HIS A 351 -5.62 1.20 9.26
CA HIS A 351 -4.78 2.29 9.70
C HIS A 351 -5.43 3.07 10.84
N ILE A 352 -6.72 3.40 10.68
CA ILE A 352 -7.43 4.11 11.74
C ILE A 352 -7.39 3.32 13.03
N GLN A 353 -7.62 2.00 12.95
CA GLN A 353 -7.59 1.17 14.15
C GLN A 353 -6.24 1.27 14.84
N TYR A 354 -5.15 1.21 14.06
CA TYR A 354 -3.82 1.32 14.64
C TYR A 354 -3.64 2.68 15.31
N PHE A 355 -4.06 3.76 14.64
CA PHE A 355 -4.02 5.09 15.25
C PHE A 355 -4.67 5.09 16.62
N MET A 356 -5.87 4.51 16.72
CA MET A 356 -6.62 4.54 17.97
C MET A 356 -5.98 3.66 19.03
N GLN A 357 -5.34 2.57 18.61
CA GLN A 357 -4.76 1.64 19.59
C GLN A 357 -3.52 2.22 20.25
N TYR A 358 -2.71 2.98 19.52
CA TYR A 358 -1.49 3.52 20.12
C TYR A 358 -1.59 5.01 20.45
N LYS A 359 -2.81 5.54 20.54
CA LYS A 359 -2.97 6.98 20.72
C LYS A 359 -2.44 7.49 22.05
N ASP A 360 -2.24 6.62 23.04
CA ASP A 360 -1.74 7.06 24.33
C ASP A 360 -0.22 6.93 24.46
N LEU A 361 0.47 6.50 23.42
CA LEU A 361 1.92 6.53 23.42
C LEU A 361 2.42 7.94 23.14
N PRO A 362 3.64 8.26 23.56
CA PRO A 362 4.27 9.50 23.06
C PRO A 362 4.31 9.48 21.54
N VAL A 363 4.10 10.65 20.93
CA VAL A 363 3.89 10.70 19.49
C VAL A 363 5.09 10.13 18.74
N ALA A 364 6.29 10.23 19.31
CA ALA A 364 7.47 9.66 18.65
C ALA A 364 7.32 8.17 18.43
N LEU A 365 6.51 7.50 19.25
CA LEU A 365 6.31 6.06 19.17
C LEU A 365 4.97 5.69 18.55
N ARG A 366 4.23 6.68 18.03
CA ARG A 366 2.94 6.44 17.38
C ARG A 366 3.16 6.07 15.91
N GLU A 367 3.71 4.87 15.72
CA GLU A 367 3.85 4.28 14.39
C GLU A 367 3.66 2.78 14.54
N GLY A 368 3.56 2.09 13.41
CA GLY A 368 3.48 0.64 13.45
C GLY A 368 4.78 0.02 13.92
N ALA A 369 4.71 -1.24 14.35
CA ALA A 369 5.91 -1.95 14.77
C ALA A 369 7.00 -1.81 13.72
N ASN A 370 6.64 -1.97 12.45
CA ASN A 370 7.39 -1.45 11.32
C ASN A 370 6.33 -1.01 10.32
N PRO A 371 6.69 -0.31 9.25
CA PRO A 371 5.64 0.18 8.33
C PRO A 371 4.78 -0.91 7.72
N GLY A 372 5.32 -2.11 7.52
CA GLY A 372 4.51 -3.21 7.00
C GLY A 372 3.39 -3.61 7.93
N PHE A 373 3.61 -3.53 9.25
CA PHE A 373 2.55 -3.83 10.20
C PHE A 373 1.37 -2.88 10.02
N HIS A 374 1.65 -1.59 9.84
CA HIS A 374 0.57 -0.62 9.66
C HIS A 374 -0.26 -0.96 8.44
N GLU A 375 0.39 -1.43 7.37
CA GLU A 375 -0.31 -1.78 6.14
C GLU A 375 -1.06 -3.10 6.25
N ALA A 376 -0.71 -3.96 7.20
CA ALA A 376 -1.26 -5.31 7.21
C ALA A 376 -2.58 -5.43 7.96
N ILE A 377 -2.84 -4.57 8.94
CA ILE A 377 -3.99 -4.78 9.83
C ILE A 377 -5.28 -4.89 9.03
N GLY A 378 -5.59 -3.88 8.22
CA GLY A 378 -6.84 -3.87 7.50
C GLY A 378 -6.94 -5.02 6.51
N ASP A 379 -5.82 -5.36 5.88
CA ASP A 379 -5.79 -6.47 4.92
C ASP A 379 -6.11 -7.79 5.60
N VAL A 380 -5.66 -7.98 6.85
CA VAL A 380 -5.96 -9.22 7.55
C VAL A 380 -7.46 -9.40 7.67
N LEU A 381 -8.16 -8.38 8.16
CA LEU A 381 -9.61 -8.48 8.26
C LEU A 381 -10.25 -8.67 6.90
N ALA A 382 -9.72 -8.01 5.87
CA ALA A 382 -10.29 -8.12 4.54
C ALA A 382 -10.14 -9.53 3.98
N LEU A 383 -9.12 -10.28 4.43
CA LEU A 383 -9.01 -11.68 4.02
C LEU A 383 -10.25 -12.46 4.43
N SER A 384 -10.75 -12.22 5.65
CA SER A 384 -11.97 -12.88 6.09
C SER A 384 -13.20 -12.31 5.39
N VAL A 385 -13.23 -10.98 5.22
CA VAL A 385 -14.35 -10.36 4.53
C VAL A 385 -14.53 -10.96 3.15
N SER A 386 -13.42 -11.29 2.49
CA SER A 386 -13.42 -11.76 1.10
C SER A 386 -13.84 -13.21 0.96
N THR A 387 -13.95 -13.96 2.05
CA THR A 387 -14.33 -15.36 1.92
C THR A 387 -15.74 -15.46 1.34
N PRO A 388 -16.02 -16.46 0.51
CA PRO A 388 -17.40 -16.66 0.03
C PRO A 388 -18.41 -16.70 1.16
N LYS A 389 -18.03 -17.28 2.31
CA LYS A 389 -18.91 -17.31 3.47
C LYS A 389 -19.34 -15.92 3.88
N HIS A 390 -18.38 -15.02 4.06
CA HIS A 390 -18.74 -13.69 4.53
C HIS A 390 -19.44 -12.89 3.43
N LEU A 391 -18.97 -13.00 2.18
CA LEU A 391 -19.62 -12.28 1.09
C LEU A 391 -21.05 -12.75 0.89
N HIS A 392 -21.29 -14.05 1.03
CA HIS A 392 -22.67 -14.53 0.94
C HIS A 392 -23.52 -13.93 2.05
N SER A 393 -22.96 -13.77 3.25
CA SER A 393 -23.71 -13.19 4.35
C SER A 393 -24.02 -11.72 4.10
N LEU A 394 -23.25 -11.06 3.24
CA LEU A 394 -23.54 -9.70 2.80
C LEU A 394 -24.46 -9.66 1.59
N ASN A 395 -24.91 -10.82 1.12
CA ASN A 395 -25.77 -10.94 -0.06
C ASN A 395 -25.08 -10.46 -1.34
N LEU A 396 -23.76 -10.60 -1.38
CA LEU A 396 -22.97 -10.23 -2.55
C LEU A 396 -22.50 -11.44 -3.34
N LEU A 397 -22.64 -12.65 -2.79
CA LEU A 397 -22.38 -13.87 -3.53
C LEU A 397 -23.51 -14.84 -3.23
N SER A 398 -23.74 -15.76 -4.16
CA SER A 398 -24.60 -16.89 -3.86
C SER A 398 -23.85 -17.88 -2.98
N SER A 399 -24.56 -18.90 -2.50
CA SER A 399 -23.90 -19.97 -1.78
C SER A 399 -22.90 -20.66 -2.70
N GLU A 400 -21.62 -20.59 -2.35
CA GLU A 400 -20.57 -21.23 -3.14
C GLU A 400 -19.87 -22.36 -2.40
N GLY A 401 -20.31 -22.70 -1.19
CA GLY A 401 -19.66 -23.74 -0.43
C GLY A 401 -19.97 -25.13 -0.96
N GLY A 402 -19.23 -26.10 -0.43
CA GLY A 402 -19.43 -27.48 -0.81
C GLY A 402 -19.17 -27.76 -2.27
N SER A 403 -18.27 -27.00 -2.89
CA SER A 403 -17.98 -27.14 -4.32
C SER A 403 -16.49 -26.95 -4.52
N ASP A 404 -15.81 -28.00 -4.98
CA ASP A 404 -14.38 -27.88 -5.27
C ASP A 404 -14.13 -26.85 -6.36
N GLU A 405 -15.00 -26.78 -7.37
CA GLU A 405 -14.82 -25.81 -8.44
C GLU A 405 -14.89 -24.39 -7.89
N HIS A 406 -15.90 -24.09 -7.07
CA HIS A 406 -15.98 -22.78 -6.44
C HIS A 406 -14.75 -22.50 -5.59
N ASP A 407 -14.21 -23.54 -4.96
CA ASP A 407 -13.06 -23.38 -4.07
C ASP A 407 -11.83 -22.92 -4.84
N ILE A 408 -11.53 -23.59 -5.95
CA ILE A 408 -10.38 -23.20 -6.77
C ILE A 408 -10.63 -21.83 -7.40
N ASN A 409 -11.86 -21.57 -7.81
CA ASN A 409 -12.21 -20.25 -8.35
C ASN A 409 -11.90 -19.15 -7.33
N PHE A 410 -12.30 -19.36 -6.07
CA PHE A 410 -12.04 -18.36 -5.05
C PHE A 410 -10.54 -18.19 -4.84
N LEU A 411 -9.80 -19.29 -4.77
CA LEU A 411 -8.35 -19.19 -4.60
C LEU A 411 -7.72 -18.43 -5.76
N MET A 412 -8.21 -18.66 -6.98
CA MET A 412 -7.68 -17.92 -8.12
C MET A 412 -7.99 -16.42 -7.99
N LYS A 413 -9.23 -16.08 -7.62
CA LYS A 413 -9.56 -14.68 -7.40
C LYS A 413 -8.60 -14.04 -6.39
N MET A 414 -8.32 -14.73 -5.29
CA MET A 414 -7.41 -14.17 -4.29
C MET A 414 -5.99 -14.09 -4.83
N ALA A 415 -5.56 -15.10 -5.59
CA ALA A 415 -4.19 -15.09 -6.10
C ALA A 415 -3.97 -13.94 -7.07
N LEU A 416 -4.98 -13.61 -7.87
CA LEU A 416 -4.83 -12.53 -8.85
C LEU A 416 -4.51 -11.21 -8.17
N ASP A 417 -4.91 -11.03 -6.92
CA ASP A 417 -4.52 -9.85 -6.17
C ASP A 417 -3.27 -10.12 -5.34
N LYS A 418 -3.30 -11.14 -4.50
CA LYS A 418 -2.27 -11.28 -3.49
C LYS A 418 -0.95 -11.76 -4.07
N ILE A 419 -0.99 -12.75 -4.97
N ILE A 419 -0.99 -12.75 -4.97
CA ILE A 419 0.25 -13.29 -5.52
CA ILE A 419 0.26 -13.28 -5.52
C ILE A 419 0.81 -12.37 -6.59
C ILE A 419 0.82 -12.35 -6.59
N ALA A 420 -0.04 -11.83 -7.47
CA ALA A 420 0.43 -10.94 -8.53
C ALA A 420 1.13 -9.72 -7.97
N PHE A 421 0.69 -9.24 -6.80
CA PHE A 421 1.26 -8.03 -6.20
C PHE A 421 2.65 -8.25 -5.63
N ILE A 422 3.03 -9.49 -5.32
CA ILE A 422 4.33 -9.72 -4.69
C ILE A 422 5.48 -9.15 -5.52
N PRO A 423 5.63 -9.47 -6.81
CA PRO A 423 6.77 -8.89 -7.55
C PRO A 423 6.65 -7.39 -7.76
N PHE A 424 5.44 -6.87 -7.96
CA PHE A 424 5.32 -5.42 -8.12
C PHE A 424 5.79 -4.71 -6.86
N SER A 425 5.31 -5.15 -5.69
CA SER A 425 5.64 -4.48 -4.44
C SER A 425 7.10 -4.65 -4.07
N TYR A 426 7.75 -5.69 -4.59
CA TYR A 426 9.19 -5.85 -4.39
C TYR A 426 9.98 -4.87 -5.23
N LEU A 427 9.57 -4.65 -6.47
CA LEU A 427 10.44 -3.95 -7.39
C LEU A 427 10.40 -2.44 -7.25
N VAL A 428 9.30 -1.87 -6.74
CA VAL A 428 9.18 -0.41 -6.73
C VAL A 428 10.37 0.20 -5.97
N ASP A 429 10.65 -0.27 -4.77
CA ASP A 429 11.78 0.30 -4.04
C ASP A 429 13.11 -0.36 -4.39
N GLN A 430 13.13 -1.51 -5.05
CA GLN A 430 14.38 -1.92 -5.67
C GLN A 430 14.84 -0.83 -6.64
N TRP A 431 13.90 -0.29 -7.43
CA TRP A 431 14.19 0.81 -8.33
C TRP A 431 14.57 2.08 -7.56
N ARG A 432 13.76 2.48 -6.58
CA ARG A 432 14.02 3.74 -5.91
C ARG A 432 15.30 3.69 -5.09
N TRP A 433 15.59 2.55 -4.45
CA TRP A 433 16.83 2.46 -3.68
C TRP A 433 18.04 2.70 -4.57
N ARG A 434 17.97 2.23 -5.83
CA ARG A 434 19.09 2.41 -6.75
C ARG A 434 19.11 3.82 -7.35
N VAL A 435 17.95 4.47 -7.47
CA VAL A 435 17.95 5.91 -7.79
C VAL A 435 18.61 6.68 -6.65
N PHE A 436 18.21 6.39 -5.41
CA PHE A 436 18.75 7.15 -4.28
C PHE A 436 20.24 6.90 -4.10
N ASP A 437 20.71 5.67 -4.32
CA ASP A 437 22.14 5.42 -4.16
C ASP A 437 22.95 5.77 -5.41
N GLY A 438 22.30 6.29 -6.46
CA GLY A 438 23.01 6.80 -7.62
C GLY A 438 23.33 5.78 -8.68
N SER A 439 22.94 4.51 -8.47
CA SER A 439 23.15 3.46 -9.47
C SER A 439 22.29 3.68 -10.70
N ILE A 440 21.14 4.33 -10.54
CA ILE A 440 20.26 4.73 -11.63
C ILE A 440 20.28 6.26 -11.66
N THR A 441 20.58 6.82 -12.82
CA THR A 441 20.57 8.27 -13.00
C THR A 441 19.37 8.66 -13.87
N LYS A 442 19.17 9.97 -14.04
CA LYS A 442 18.07 10.40 -14.90
C LYS A 442 18.29 9.98 -16.34
N GLU A 443 19.51 9.58 -16.70
CA GLU A 443 19.74 9.06 -18.05
C GLU A 443 19.00 7.75 -18.28
N ASN A 444 18.76 6.96 -17.22
CA ASN A 444 18.17 5.64 -17.42
C ASN A 444 17.11 5.30 -16.38
N TYR A 445 16.46 6.31 -15.81
CA TYR A 445 15.31 6.06 -14.93
C TYR A 445 14.38 5.01 -15.54
N ASN A 446 13.91 5.28 -16.76
CA ASN A 446 12.81 4.51 -17.32
C ASN A 446 13.28 3.17 -17.83
N GLN A 447 14.48 3.13 -18.43
CA GLN A 447 15.02 1.85 -18.88
C GLN A 447 15.20 0.90 -17.70
N GLU A 448 15.70 1.39 -16.58
CA GLU A 448 15.92 0.50 -15.43
C GLU A 448 14.60 0.12 -14.77
N TRP A 449 13.60 1.00 -14.81
CA TRP A 449 12.27 0.63 -14.35
C TRP A 449 11.75 -0.59 -15.13
N TRP A 450 11.83 -0.53 -16.47
CA TRP A 450 11.31 -1.63 -17.27
C TRP A 450 12.19 -2.86 -17.19
N SER A 451 13.48 -2.70 -16.92
N SER A 451 13.49 -2.69 -16.93
CA SER A 451 14.32 -3.87 -16.67
CA SER A 451 14.32 -3.86 -16.67
C SER A 451 13.83 -4.64 -15.46
C SER A 451 13.83 -4.63 -15.46
N LEU A 452 13.38 -3.92 -14.42
CA LEU A 452 12.85 -4.58 -13.23
C LEU A 452 11.43 -5.08 -13.45
N ARG A 453 10.60 -4.33 -14.17
CA ARG A 453 9.27 -4.83 -14.52
C ARG A 453 9.37 -6.15 -15.26
N LEU A 454 10.37 -6.28 -16.15
CA LEU A 454 10.61 -7.53 -16.84
C LEU A 454 11.15 -8.58 -15.87
N LYS A 455 12.23 -8.25 -15.17
CA LYS A 455 12.93 -9.24 -14.36
C LYS A 455 12.03 -9.85 -13.29
N TYR A 456 11.25 -9.00 -12.61
CA TYR A 456 10.48 -9.48 -11.46
C TYR A 456 9.05 -9.85 -11.83
N GLN A 457 8.36 -9.01 -12.60
CA GLN A 457 6.96 -9.27 -12.92
C GLN A 457 6.76 -10.03 -14.23
N GLY A 458 7.76 -10.08 -15.11
CA GLY A 458 7.55 -10.69 -16.40
C GLY A 458 6.56 -9.93 -17.26
N LEU A 459 6.65 -8.60 -17.22
CA LEU A 459 5.81 -7.73 -18.03
C LEU A 459 6.67 -6.92 -18.99
N CYS A 460 6.08 -6.53 -20.11
CA CYS A 460 6.71 -5.65 -21.07
C CYS A 460 5.79 -4.49 -21.38
N PRO A 461 6.32 -3.34 -21.78
CA PRO A 461 5.44 -2.23 -22.16
C PRO A 461 4.78 -2.51 -23.49
N PRO A 462 3.48 -2.23 -23.62
CA PRO A 462 2.82 -2.48 -24.92
C PRO A 462 3.29 -1.54 -26.01
N VAL A 463 3.86 -0.39 -25.65
CA VAL A 463 4.38 0.59 -26.59
C VAL A 463 5.83 0.83 -26.19
N PRO A 464 6.79 0.73 -27.11
CA PRO A 464 8.19 1.02 -26.74
C PRO A 464 8.30 2.40 -26.11
N ARG A 465 9.07 2.48 -25.03
CA ARG A 465 9.25 3.75 -24.35
C ARG A 465 10.25 4.61 -25.10
N THR A 466 10.10 5.92 -24.95
CA THR A 466 10.96 6.87 -25.63
C THR A 466 11.57 7.82 -24.61
N GLN A 467 12.64 8.49 -25.01
CA GLN A 467 13.25 9.51 -24.18
C GLN A 467 12.20 10.53 -23.77
N GLY A 468 12.22 10.92 -22.50
CA GLY A 468 11.21 11.78 -21.94
C GLY A 468 10.13 11.04 -21.17
N ASP A 469 9.97 9.75 -21.40
CA ASP A 469 9.05 8.97 -20.58
C ASP A 469 9.60 8.80 -19.18
N PHE A 470 8.71 8.87 -18.19
CA PHE A 470 9.06 8.66 -16.80
C PHE A 470 7.87 7.91 -16.19
N ASP A 471 7.77 6.64 -16.56
CA ASP A 471 6.60 5.84 -16.16
C ASP A 471 6.47 5.68 -14.65
N PRO A 472 7.55 5.60 -13.85
CA PRO A 472 7.37 5.59 -12.40
C PRO A 472 6.57 6.79 -11.89
N GLY A 473 6.70 7.95 -12.53
CA GLY A 473 5.95 9.10 -12.10
C GLY A 473 4.44 8.94 -12.20
N ALA A 474 3.98 7.94 -12.95
CA ALA A 474 2.56 7.68 -13.12
C ALA A 474 2.00 6.77 -12.03
N LYS A 475 2.79 6.46 -11.01
CA LYS A 475 2.37 5.65 -9.85
C LYS A 475 2.40 6.55 -8.62
N PHE A 476 1.26 6.63 -7.92
CA PHE A 476 1.07 7.60 -6.83
C PHE A 476 2.28 7.77 -5.91
N HIS A 477 2.84 6.66 -5.43
CA HIS A 477 3.80 6.73 -4.34
C HIS A 477 5.13 7.36 -4.76
N ILE A 478 5.39 7.45 -6.06
CA ILE A 478 6.63 8.02 -6.55
C ILE A 478 6.56 9.55 -6.40
N PRO A 479 5.64 10.26 -7.07
CA PRO A 479 5.57 11.72 -6.82
C PRO A 479 5.18 12.09 -5.39
N SER A 480 4.50 11.22 -4.65
CA SER A 480 4.14 11.55 -3.28
C SER A 480 5.19 11.15 -2.26
N SER A 481 6.28 10.52 -2.70
CA SER A 481 7.41 10.17 -1.84
C SER A 481 6.94 9.31 -0.66
N VAL A 482 6.19 8.27 -0.98
CA VAL A 482 5.71 7.30 0.00
C VAL A 482 6.48 6.00 -0.24
N PRO A 483 7.24 5.52 0.73
CA PRO A 483 7.96 4.24 0.55
C PRO A 483 7.00 3.11 0.22
N TYR A 484 7.51 2.11 -0.50
CA TYR A 484 6.69 1.04 -1.03
C TYR A 484 6.97 -0.35 -0.46
N ILE A 485 8.17 -0.62 0.04
CA ILE A 485 8.49 -1.97 0.50
C ILE A 485 7.57 -2.39 1.64
N ARG A 486 6.99 -1.44 2.36
CA ARG A 486 5.97 -1.75 3.36
C ARG A 486 4.87 -2.67 2.81
N TYR A 487 4.51 -2.50 1.53
CA TYR A 487 3.42 -3.29 0.97
C TYR A 487 3.85 -4.72 0.68
N PHE A 488 5.11 -4.92 0.27
CA PHE A 488 5.66 -6.27 0.16
C PHE A 488 5.64 -6.96 1.52
N VAL A 489 6.20 -6.29 2.54
CA VAL A 489 6.20 -6.84 3.89
C VAL A 489 4.78 -7.15 4.33
N SER A 490 3.86 -6.22 4.07
CA SER A 490 2.47 -6.40 4.48
C SER A 490 1.87 -7.65 3.87
N PHE A 491 2.12 -7.90 2.58
CA PHE A 491 1.47 -9.04 1.94
C PHE A 491 2.01 -10.36 2.47
N ILE A 492 3.27 -10.40 2.90
CA ILE A 492 3.80 -11.60 3.53
C ILE A 492 3.18 -11.78 4.91
N ILE A 493 3.29 -10.76 5.77
CA ILE A 493 2.94 -10.96 7.17
C ILE A 493 1.44 -11.03 7.37
N GLN A 494 0.64 -10.47 6.46
CA GLN A 494 -0.81 -10.52 6.66
C GLN A 494 -1.31 -11.95 6.64
N PHE A 495 -0.66 -12.83 5.86
CA PHE A 495 -1.02 -14.24 5.91
C PHE A 495 -0.52 -14.90 7.18
N GLN A 496 0.66 -14.52 7.68
CA GLN A 496 1.09 -15.01 8.98
C GLN A 496 0.08 -14.62 10.05
N PHE A 497 -0.38 -13.37 10.02
CA PHE A 497 -1.37 -12.92 10.99
C PHE A 497 -2.67 -13.70 10.84
N HIS A 498 -3.15 -13.83 9.59
CA HIS A 498 -4.37 -14.59 9.32
C HIS A 498 -4.29 -16.00 9.90
N GLU A 499 -3.18 -16.69 9.61
CA GLU A 499 -2.98 -18.05 10.13
C GLU A 499 -3.04 -18.07 11.64
N ALA A 500 -2.34 -17.14 12.30
CA ALA A 500 -2.32 -17.11 13.76
C ALA A 500 -3.68 -16.79 14.34
N LEU A 501 -4.38 -15.81 13.77
CA LEU A 501 -5.69 -15.44 14.29
C LEU A 501 -6.72 -16.55 14.05
N CYS A 502 -6.61 -17.24 12.92
CA CYS A 502 -7.49 -18.37 12.66
C CYS A 502 -7.28 -19.50 13.67
N GLN A 503 -6.02 -19.77 14.02
CA GLN A 503 -5.75 -20.74 15.08
C GLN A 503 -6.29 -20.26 16.41
N ALA A 504 -6.08 -18.98 16.74
CA ALA A 504 -6.59 -18.45 18.00
C ALA A 504 -8.11 -18.54 18.07
N ALA A 505 -8.79 -18.40 16.94
CA ALA A 505 -10.23 -18.49 16.85
C ALA A 505 -10.73 -19.93 16.78
N GLY A 506 -9.83 -20.91 16.82
CA GLY A 506 -10.24 -22.30 16.82
C GLY A 506 -10.62 -22.87 15.48
N HIS A 507 -10.18 -22.24 14.39
N HIS A 507 -10.18 -22.28 14.39
CA HIS A 507 -10.49 -22.74 13.06
CA HIS A 507 -10.59 -22.76 13.08
C HIS A 507 -9.69 -23.99 12.76
C HIS A 507 -9.70 -23.90 12.62
N THR A 508 -10.33 -24.91 12.04
CA THR A 508 -9.68 -26.15 11.62
C THR A 508 -9.96 -26.29 10.13
N GLY A 509 -9.07 -26.98 9.44
CA GLY A 509 -9.19 -27.16 8.02
C GLY A 509 -8.41 -26.11 7.25
N PRO A 510 -8.64 -26.06 5.94
CA PRO A 510 -7.80 -25.21 5.09
C PRO A 510 -7.82 -23.76 5.54
N LEU A 511 -6.63 -23.15 5.53
CA LEU A 511 -6.50 -21.77 5.98
C LEU A 511 -7.42 -20.84 5.19
N HIS A 512 -7.59 -21.11 3.90
CA HIS A 512 -8.33 -20.15 3.07
C HIS A 512 -9.83 -20.18 3.34
N LYS A 513 -10.34 -21.14 4.11
CA LYS A 513 -11.75 -21.16 4.49
C LYS A 513 -12.01 -20.42 5.80
N CYS A 514 -10.98 -19.89 6.43
CA CYS A 514 -11.13 -19.23 7.73
C CYS A 514 -11.74 -17.85 7.60
N ASP A 515 -12.68 -17.55 8.51
CA ASP A 515 -13.33 -16.25 8.62
C ASP A 515 -13.36 -15.91 10.11
N ILE A 516 -12.62 -14.88 10.52
CA ILE A 516 -12.43 -14.61 11.95
C ILE A 516 -13.51 -13.67 12.47
N TYR A 517 -14.54 -13.40 11.67
CA TYR A 517 -15.60 -12.50 12.13
C TYR A 517 -16.06 -12.88 13.53
N GLN A 518 -16.11 -11.89 14.41
CA GLN A 518 -16.62 -11.95 15.78
C GLN A 518 -15.68 -12.66 16.75
N SER A 519 -14.45 -12.98 16.35
CA SER A 519 -13.53 -13.69 17.23
C SER A 519 -12.87 -12.68 18.18
N LYS A 520 -13.26 -12.72 19.45
CA LYS A 520 -12.61 -11.84 20.44
C LYS A 520 -11.19 -12.29 20.73
N GLU A 521 -10.91 -13.59 20.63
CA GLU A 521 -9.54 -14.07 20.80
C GLU A 521 -8.63 -13.50 19.71
N ALA A 522 -9.12 -13.48 18.47
CA ALA A 522 -8.34 -12.89 17.39
C ALA A 522 -8.14 -11.39 17.63
N GLY A 523 -9.20 -10.70 18.05
CA GLY A 523 -9.06 -9.27 18.30
C GLY A 523 -8.04 -8.95 19.38
N GLN A 524 -7.98 -9.79 20.42
CA GLN A 524 -7.08 -9.54 21.53
C GLN A 524 -5.62 -9.64 21.08
N ARG A 525 -5.31 -10.61 20.21
CA ARG A 525 -3.96 -10.71 19.68
C ARG A 525 -3.55 -9.43 18.97
N LEU A 526 -4.41 -8.96 18.07
CA LEU A 526 -4.08 -7.76 17.30
C LEU A 526 -3.95 -6.55 18.20
N ALA A 527 -4.85 -6.42 19.18
CA ALA A 527 -4.88 -5.25 20.04
C ALA A 527 -3.60 -5.14 20.85
N THR A 528 -3.14 -6.25 21.42
N THR A 528 -3.15 -6.25 21.43
CA THR A 528 -1.93 -6.19 22.25
CA THR A 528 -1.94 -6.22 22.25
C THR A 528 -0.74 -5.75 21.43
C THR A 528 -0.74 -5.75 21.42
N ALA A 529 -0.64 -6.25 20.18
CA ALA A 529 0.48 -5.86 19.32
C ALA A 529 0.35 -4.40 18.88
N MET A 530 -0.84 -3.97 18.49
CA MET A 530 -0.99 -2.60 18.00
C MET A 530 -0.72 -1.59 19.10
N LYS A 531 -1.09 -1.91 20.35
CA LYS A 531 -0.86 -1.00 21.45
C LYS A 531 0.63 -0.73 21.69
N LEU A 532 1.50 -1.59 21.18
CA LEU A 532 2.93 -1.36 21.33
C LEU A 532 3.42 -0.20 20.48
N GLY A 533 2.69 0.15 19.44
CA GLY A 533 3.18 1.11 18.47
C GLY A 533 4.58 0.76 18.02
N PHE A 534 5.47 1.75 18.08
CA PHE A 534 6.87 1.65 17.72
C PHE A 534 7.76 1.61 18.96
N SER A 535 7.20 1.20 20.11
CA SER A 535 7.93 1.24 21.36
C SER A 535 8.95 0.11 21.49
N ARG A 536 8.81 -0.95 20.71
CA ARG A 536 9.67 -2.12 20.79
C ARG A 536 10.05 -2.57 19.39
N PRO A 537 11.19 -3.26 19.25
CA PRO A 537 11.53 -3.86 17.94
C PRO A 537 10.39 -4.71 17.42
N TRP A 538 10.17 -4.66 16.11
CA TRP A 538 8.98 -5.31 15.56
C TRP A 538 8.91 -6.81 15.80
N PRO A 539 10.01 -7.55 16.00
CA PRO A 539 9.86 -8.99 16.29
C PRO A 539 9.03 -9.25 17.53
N GLU A 540 8.98 -8.31 18.49
CA GLU A 540 8.14 -8.52 19.66
C GLU A 540 6.66 -8.50 19.29
N ALA A 541 6.24 -7.54 18.45
CA ALA A 541 4.87 -7.54 17.97
C ALA A 541 4.56 -8.77 17.11
N MET A 542 5.52 -9.17 16.27
CA MET A 542 5.34 -10.41 15.51
C MET A 542 5.09 -11.58 16.45
N GLN A 543 5.85 -11.64 17.54
CA GLN A 543 5.73 -12.72 18.51
C GLN A 543 4.36 -12.69 19.21
N LEU A 544 3.87 -11.50 19.58
CA LEU A 544 2.59 -11.41 20.24
C LEU A 544 1.46 -11.93 19.35
N ILE A 545 1.54 -11.66 18.05
CA ILE A 545 0.47 -12.10 17.17
C ILE A 545 0.61 -13.57 16.82
N THR A 546 1.82 -14.01 16.48
CA THR A 546 2.00 -15.30 15.81
C THR A 546 2.68 -16.37 16.65
N GLY A 547 3.25 -16.02 17.80
CA GLY A 547 3.98 -17.01 18.60
C GLY A 547 5.40 -17.25 18.16
N GLN A 548 5.92 -16.48 17.22
CA GLN A 548 7.31 -16.57 16.80
C GLN A 548 7.71 -15.22 16.25
N PRO A 549 9.01 -14.97 16.08
CA PRO A 549 9.47 -13.59 15.81
C PRO A 549 9.84 -13.25 14.37
N GLN A 550 9.76 -14.17 13.42
CA GLN A 550 10.30 -13.93 12.09
C GLN A 550 9.21 -13.61 11.08
N MET A 551 9.61 -12.94 10.01
CA MET A 551 8.82 -12.91 8.79
C MET A 551 8.99 -14.25 8.08
N SER A 552 7.89 -14.77 7.53
CA SER A 552 7.92 -16.07 6.89
C SER A 552 6.83 -16.14 5.83
N ALA A 553 7.19 -16.68 4.67
CA ALA A 553 6.24 -16.91 3.60
C ALA A 553 5.41 -18.18 3.79
N SER A 554 5.69 -18.97 4.82
CA SER A 554 5.05 -20.28 4.89
C SER A 554 3.54 -20.16 4.98
N ALA A 555 3.03 -19.14 5.69
CA ALA A 555 1.58 -18.98 5.83
C ALA A 555 0.92 -18.67 4.49
N MET A 556 1.51 -17.76 3.71
CA MET A 556 0.98 -17.49 2.38
C MET A 556 1.04 -18.74 1.50
N LEU A 557 2.14 -19.47 1.55
CA LEU A 557 2.23 -20.70 0.77
C LEU A 557 1.17 -21.71 1.20
N SER A 558 0.94 -21.82 2.51
N SER A 558 0.92 -21.82 2.51
CA SER A 558 -0.09 -22.73 3.00
CA SER A 558 -0.09 -22.74 2.99
C SER A 558 -1.47 -22.32 2.50
C SER A 558 -1.49 -22.33 2.54
N TYR A 559 -1.78 -21.02 2.58
CA TYR A 559 -3.07 -20.53 2.11
C TYR A 559 -3.33 -20.95 0.67
N PHE A 560 -2.31 -20.80 -0.18
CA PHE A 560 -2.47 -21.03 -1.61
C PHE A 560 -2.04 -22.42 -2.07
N LYS A 561 -1.66 -23.32 -1.16
CA LYS A 561 -1.19 -24.64 -1.58
C LYS A 561 -2.15 -25.34 -2.53
N PRO A 562 -3.47 -25.41 -2.27
CA PRO A 562 -4.35 -26.09 -3.23
C PRO A 562 -4.32 -25.46 -4.60
N LEU A 563 -4.10 -24.15 -4.69
CA LEU A 563 -4.04 -23.50 -6.00
C LEU A 563 -2.72 -23.80 -6.69
N LEU A 564 -1.61 -23.84 -5.93
CA LEU A 564 -0.34 -24.21 -6.54
C LEU A 564 -0.45 -25.59 -7.17
N ASP A 565 -1.07 -26.55 -6.46
CA ASP A 565 -1.27 -27.88 -7.01
C ASP A 565 -2.09 -27.83 -8.30
N TRP A 566 -3.19 -27.09 -8.28
CA TRP A 566 -4.05 -27.00 -9.47
C TRP A 566 -3.31 -26.32 -10.62
N LEU A 567 -2.57 -25.25 -10.33
CA LEU A 567 -1.86 -24.53 -11.39
C LEU A 567 -0.78 -25.39 -12.02
N ARG A 568 -0.05 -26.16 -11.22
CA ARG A 568 0.99 -27.00 -11.80
C ARG A 568 0.38 -28.04 -12.73
N THR A 569 -0.71 -28.66 -12.30
CA THR A 569 -1.40 -29.64 -13.14
C THR A 569 -1.88 -28.99 -14.44
N GLU A 570 -2.57 -27.86 -14.32
CA GLU A 570 -3.09 -27.16 -15.49
C GLU A 570 -1.97 -26.71 -16.42
N ASN A 571 -0.93 -26.09 -15.88
CA ASN A 571 0.15 -25.61 -16.74
C ASN A 571 0.90 -26.76 -17.39
N GLU A 572 1.09 -27.85 -16.64
N GLU A 572 1.05 -27.88 -16.68
CA GLU A 572 1.74 -29.04 -17.18
CA GLU A 572 1.78 -29.01 -17.24
C GLU A 572 1.00 -29.55 -18.40
C GLU A 572 1.02 -29.66 -18.39
N LEU A 573 -0.31 -29.75 -18.30
CA LEU A 573 -1.02 -30.38 -19.39
C LEU A 573 -1.12 -29.47 -20.60
N HIS A 574 -0.97 -28.15 -20.43
CA HIS A 574 -0.90 -27.24 -21.57
C HIS A 574 0.52 -27.01 -22.06
N GLY A 575 1.51 -27.58 -21.38
CA GLY A 575 2.89 -27.47 -21.82
C GLY A 575 3.49 -26.10 -21.63
N GLU A 576 3.12 -25.38 -20.58
CA GLU A 576 3.64 -24.04 -20.41
C GLU A 576 5.14 -24.09 -20.08
N LYS A 577 5.87 -23.15 -20.65
CA LYS A 577 7.26 -22.90 -20.27
C LYS A 577 7.23 -21.75 -19.27
N LEU A 578 7.39 -22.07 -18.00
CA LEU A 578 7.35 -21.04 -16.96
C LEU A 578 8.45 -20.01 -17.20
N GLY A 579 8.17 -18.78 -16.81
CA GLY A 579 9.14 -17.72 -16.96
C GLY A 579 9.07 -17.10 -18.34
N TRP A 580 10.09 -16.29 -18.63
CA TRP A 580 10.14 -15.52 -19.87
C TRP A 580 11.58 -15.49 -20.37
N PRO A 581 12.16 -16.68 -20.68
CA PRO A 581 13.50 -16.77 -21.26
C PRO A 581 13.62 -15.99 -22.55
#